data_6E2Y
#
_entry.id   6E2Y
#
_cell.length_a   79.878
_cell.length_b   98.016
_cell.length_c   45.872
_cell.angle_alpha   90.00
_cell.angle_beta   90.00
_cell.angle_gamma   90.00
#
_symmetry.space_group_name_H-M   'P 21 21 2'
#
loop_
_entity.id
_entity.type
_entity.pdbx_description
1 polymer 'Mevalonate diphosphate decarboxylase'
2 non-polymer 'SULFATE ION'
3 non-polymer "ADENOSINE-5'-DIPHOSPHATE"
4 non-polymer '(3R)-3-HYDROXY-5-{[(R)-HYDROXY(PHOSPHONOOXY)PHOSPHORYL]OXY}-3-METHYLPENTANOIC ACID'
5 non-polymer 'COBALT (II) ION'
6 water water
#
_entity_poly.entity_id   1
_entity_poly.type   'polypeptide(L)'
_entity_poly.pdbx_seq_one_letter_code
;MHHHHHHHHGVDLGTENLYFQSNAMLSGKARAHTNIALIKYWGKANEEYILPMNSSLSLTLDAFYTETTVTFDAHYSEDV
FILNGILQNEKQTKKVKEFLNLVRQQADCTWFAKVESQNFVPTAAGLASSASGLAALAGACNVALGLNLSAKDLSRLARR
GSGSACRSIFGGFAQWNKGHSDETSFAENIPANNWENELAMLFILINDGEKDVSSRDGMKRTVETSSFYQGWLDNVEKDL
SQVHEAIKTKDFPRLGEIIEANGLRMHGTTLGAVPPFTYWSPGSLQAMALVRQARAKGIPCYFTMDAGPNVKVLVEKKNL
EALKTFLSEHFSKEQLVPAFAGPGIELFETKGMDK
;
_entity_poly.pdbx_strand_id   A
#
# COMPACT_ATOMS: atom_id res chain seq x y z
N ALA A 24 -10.84 -14.76 30.47
CA ALA A 24 -9.88 -13.59 30.35
C ALA A 24 -9.30 -13.56 28.93
N MET A 25 -10.16 -13.21 27.98
CA MET A 25 -9.82 -13.29 26.57
C MET A 25 -10.52 -12.14 25.86
N LEU A 26 -9.78 -11.47 24.99
CA LEU A 26 -10.30 -10.37 24.18
C LEU A 26 -9.98 -10.64 22.72
N SER A 27 -10.98 -10.50 21.84
CA SER A 27 -10.87 -10.91 20.45
C SER A 27 -11.52 -9.87 19.56
N GLY A 28 -11.13 -9.90 18.29
CA GLY A 28 -11.53 -8.88 17.34
C GLY A 28 -11.14 -9.28 15.94
N LYS A 29 -11.83 -8.69 14.98
CA LYS A 29 -11.66 -9.08 13.58
C LYS A 29 -11.78 -7.86 12.70
N ALA A 30 -11.07 -7.88 11.57
CA ALA A 30 -11.23 -6.78 10.62
C ALA A 30 -10.84 -7.21 9.23
N ARG A 31 -11.39 -6.50 8.25
CA ARG A 31 -11.06 -6.66 6.85
C ARG A 31 -10.57 -5.31 6.31
N ALA A 32 -9.42 -5.33 5.64
CA ALA A 32 -8.88 -4.13 4.99
C ALA A 32 -8.39 -4.49 3.60
N HIS A 33 -8.63 -3.59 2.64
CA HIS A 33 -8.20 -3.77 1.26
C HIS A 33 -6.86 -3.09 0.99
N THR A 34 -6.11 -3.63 0.04
CA THR A 34 -4.88 -2.97 -0.37
C THR A 34 -5.16 -1.61 -1.01
N ASN A 35 -4.10 -0.82 -1.13
CA ASN A 35 -4.11 0.41 -1.90
C ASN A 35 -2.83 0.48 -2.70
N ILE A 36 -2.88 1.19 -3.82
CA ILE A 36 -1.71 1.41 -4.66
C ILE A 36 -1.47 2.90 -4.70
N ALA A 37 -0.23 3.29 -4.40
CA ALA A 37 0.10 4.70 -4.29
C ALA A 37 0.21 5.32 -5.67
N LEU A 38 -0.50 6.42 -5.87
CA LEU A 38 -0.40 7.21 -7.08
C LEU A 38 0.72 8.25 -6.95
N ILE A 39 0.77 8.96 -5.83
CA ILE A 39 1.96 9.68 -5.37
C ILE A 39 2.60 8.86 -4.26
N LYS A 40 3.85 8.46 -4.45
CA LYS A 40 4.48 7.48 -3.59
C LYS A 40 4.92 8.07 -2.26
N TYR A 41 4.78 7.26 -1.22
CA TYR A 41 5.54 7.40 0.01
C TYR A 41 6.85 6.68 -0.20
N TRP A 42 7.95 7.37 0.07
CA TRP A 42 9.27 6.77 -0.12
C TRP A 42 10.21 7.47 0.83
N GLY A 43 10.48 6.83 1.98
CA GLY A 43 11.41 7.35 2.96
C GLY A 43 10.75 7.95 4.19
N LYS A 44 11.31 7.59 5.35
CA LYS A 44 10.78 7.97 6.63
C LYS A 44 11.62 9.11 7.19
N ALA A 45 10.96 10.15 7.67
CA ALA A 45 11.64 11.15 8.47
C ALA A 45 11.89 10.66 9.88
N ASN A 46 11.02 9.79 10.41
CA ASN A 46 11.22 9.18 11.73
C ASN A 46 10.93 7.69 11.59
N GLU A 47 11.96 6.87 11.81
CA GLU A 47 11.81 5.43 11.63
C GLU A 47 10.98 4.82 12.74
N GLU A 48 11.13 5.33 13.98
CA GLU A 48 10.45 4.74 15.13
C GLU A 48 8.93 4.87 15.01
N TYR A 49 8.45 6.03 14.59
CA TYR A 49 7.02 6.33 14.54
C TYR A 49 6.44 6.27 13.14
N ILE A 50 7.28 5.95 12.15
CA ILE A 50 6.92 5.92 10.74
C ILE A 50 6.24 7.23 10.36
N LEU A 51 7.00 8.33 10.51
CA LEU A 51 6.62 9.62 9.98
C LEU A 51 7.32 9.81 8.65
N PRO A 52 6.60 10.14 7.58
CA PRO A 52 7.21 10.12 6.24
C PRO A 52 7.88 11.44 5.89
N MET A 53 8.81 11.34 4.94
CA MET A 53 9.44 12.54 4.39
C MET A 53 8.51 13.32 3.50
N ASN A 54 7.50 12.68 2.92
CA ASN A 54 6.60 13.41 2.03
C ASN A 54 5.22 12.79 2.14
N SER A 55 4.22 13.58 1.77
CA SER A 55 2.85 13.13 1.76
C SER A 55 2.62 12.26 0.55
N SER A 56 1.56 11.46 0.60
CA SER A 56 1.30 10.48 -0.43
C SER A 56 -0.20 10.36 -0.68
N LEU A 57 -0.53 9.71 -1.79
CA LEU A 57 -1.91 9.59 -2.22
C LEU A 57 -2.11 8.25 -2.94
N SER A 58 -3.17 7.55 -2.60
CA SER A 58 -3.36 6.20 -3.12
C SER A 58 -4.81 5.99 -3.49
N LEU A 59 -5.03 4.89 -4.20
CA LEU A 59 -6.35 4.39 -4.51
C LEU A 59 -6.51 3.03 -3.85
N THR A 60 -7.51 2.89 -2.99
CA THR A 60 -7.82 1.61 -2.39
C THR A 60 -8.63 0.79 -3.39
N LEU A 61 -8.28 -0.49 -3.52
CA LEU A 61 -8.78 -1.37 -4.54
C LEU A 61 -9.65 -2.50 -3.98
N ASP A 62 -10.53 -3.00 -4.84
CA ASP A 62 -11.50 -4.02 -4.46
C ASP A 62 -11.00 -5.45 -4.67
N ALA A 63 -9.93 -5.65 -5.44
CA ALA A 63 -9.55 -7.02 -5.79
C ALA A 63 -8.74 -7.72 -4.71
N PHE A 64 -7.88 -6.99 -3.98
CA PHE A 64 -6.97 -7.58 -3.02
C PHE A 64 -7.29 -7.07 -1.62
N TYR A 65 -7.35 -7.98 -0.65
CA TYR A 65 -7.69 -7.61 0.73
C TYR A 65 -7.09 -8.62 1.69
N THR A 66 -7.17 -8.28 2.98
CA THR A 66 -6.69 -9.14 4.05
C THR A 66 -7.78 -9.26 5.10
N GLU A 67 -7.92 -10.46 5.65
CA GLU A 67 -8.84 -10.72 6.75
C GLU A 67 -8.05 -11.25 7.92
N THR A 68 -8.21 -10.60 9.09
CA THR A 68 -7.38 -10.88 10.26
C THR A 68 -8.24 -10.89 11.52
N THR A 69 -8.01 -11.90 12.35
CA THR A 69 -8.58 -11.98 13.70
C THR A 69 -7.42 -11.96 14.70
N VAL A 70 -7.59 -11.24 15.81
CA VAL A 70 -6.61 -11.30 16.88
C VAL A 70 -7.32 -11.72 18.16
N THR A 71 -6.62 -12.48 18.98
CA THR A 71 -7.08 -12.90 20.30
C THR A 71 -5.95 -12.60 21.28
N PHE A 72 -6.26 -11.81 22.32
CA PHE A 72 -5.38 -11.65 23.47
C PHE A 72 -5.94 -12.50 24.60
N ASP A 73 -5.09 -13.31 25.23
CA ASP A 73 -5.55 -14.28 26.23
C ASP A 73 -4.47 -14.46 27.29
N ALA A 74 -4.88 -14.35 28.57
CA ALA A 74 -3.92 -14.53 29.65
C ALA A 74 -3.26 -15.89 29.63
N HIS A 75 -3.90 -16.89 29.02
CA HIS A 75 -3.34 -18.24 29.00
C HIS A 75 -2.36 -18.50 27.87
N TYR A 76 -2.31 -17.63 26.85
CA TYR A 76 -1.29 -17.80 25.82
C TYR A 76 0.10 -17.67 26.42
N SER A 77 1.02 -18.47 25.89
CA SER A 77 2.39 -18.48 26.38
C SER A 77 3.38 -17.77 25.45
N GLU A 78 2.95 -17.32 24.28
CA GLU A 78 3.82 -16.55 23.40
C GLU A 78 2.92 -15.97 22.31
N ASP A 79 3.43 -14.96 21.61
CA ASP A 79 2.69 -14.40 20.48
C ASP A 79 2.75 -15.38 19.31
N VAL A 80 1.62 -15.60 18.65
CA VAL A 80 1.58 -16.55 17.54
C VAL A 80 1.03 -15.85 16.31
N PHE A 81 1.70 -16.02 15.16
CA PHE A 81 1.25 -15.41 13.90
C PHE A 81 1.08 -16.51 12.86
N ILE A 82 -0.14 -16.67 12.39
CA ILE A 82 -0.51 -17.66 11.39
C ILE A 82 -1.00 -16.91 10.16
N LEU A 83 -0.33 -17.15 9.03
CA LEU A 83 -0.59 -16.44 7.77
C LEU A 83 -0.88 -17.44 6.67
N ASN A 84 -2.08 -17.38 6.10
CA ASN A 84 -2.53 -18.31 5.06
C ASN A 84 -2.48 -19.74 5.58
N GLY A 85 -2.94 -19.94 6.80
CA GLY A 85 -2.95 -21.25 7.44
C GLY A 85 -1.58 -21.76 7.85
N ILE A 86 -0.52 -20.98 7.67
CA ILE A 86 0.85 -21.42 7.90
C ILE A 86 1.43 -20.63 9.07
N LEU A 87 1.94 -21.35 10.07
CA LEU A 87 2.61 -20.70 11.20
C LEU A 87 3.85 -19.97 10.73
N GLN A 88 3.96 -18.72 11.14
CA GLN A 88 5.10 -17.88 10.74
C GLN A 88 6.23 -18.02 11.76
N ASN A 89 7.46 -18.09 11.25
CA ASN A 89 8.62 -18.31 12.10
C ASN A 89 9.01 -17.01 12.81
N GLU A 90 10.06 -17.08 13.63
CA GLU A 90 10.45 -15.92 14.43
C GLU A 90 10.77 -14.72 13.56
N LYS A 91 11.63 -14.90 12.54
CA LYS A 91 11.94 -13.81 11.62
C LYS A 91 10.68 -13.26 10.99
N GLN A 92 9.79 -14.14 10.53
CA GLN A 92 8.56 -13.71 9.87
C GLN A 92 7.54 -13.09 10.84
N THR A 93 7.75 -13.21 12.15
CA THR A 93 6.80 -12.68 13.13
C THR A 93 7.30 -11.42 13.83
N LYS A 94 8.57 -11.05 13.61
CA LYS A 94 9.24 -9.97 14.35
C LYS A 94 8.42 -8.68 14.31
N LYS A 95 7.95 -8.31 13.13
CA LYS A 95 7.22 -7.06 12.94
C LYS A 95 5.82 -7.13 13.51
N VAL A 96 5.10 -8.24 13.29
CA VAL A 96 3.80 -8.37 13.93
C VAL A 96 3.99 -8.21 15.43
N LYS A 97 5.09 -8.76 15.97
CA LYS A 97 5.34 -8.65 17.38
C LYS A 97 5.62 -7.21 17.77
N GLU A 98 6.28 -6.46 16.90
CA GLU A 98 6.48 -5.05 17.19
C GLU A 98 5.15 -4.31 17.21
N PHE A 99 4.25 -4.61 16.28
CA PHE A 99 2.96 -3.94 16.32
C PHE A 99 2.17 -4.35 17.55
N LEU A 100 2.23 -5.63 17.94
CA LEU A 100 1.50 -6.08 19.13
C LEU A 100 2.04 -5.42 20.39
N ASN A 101 3.37 -5.32 20.52
CA ASN A 101 3.95 -4.61 21.65
C ASN A 101 3.46 -3.18 21.73
N LEU A 102 3.43 -2.48 20.59
CA LEU A 102 2.98 -1.09 20.56
C LEU A 102 1.53 -0.98 21.02
N VAL A 103 0.67 -1.84 20.51
CA VAL A 103 -0.72 -1.70 20.85
C VAL A 103 -0.95 -2.15 22.29
N ARG A 104 -0.18 -3.12 22.78
CA ARG A 104 -0.27 -3.52 24.19
C ARG A 104 0.15 -2.39 25.13
N GLN A 105 1.19 -1.62 24.77
CA GLN A 105 1.53 -0.44 25.56
C GLN A 105 0.40 0.60 25.55
N GLN A 106 -0.21 0.84 24.39
CA GLN A 106 -1.32 1.79 24.25
C GLN A 106 -2.60 1.34 24.95
N ALA A 107 -2.62 0.12 25.50
CA ALA A 107 -3.72 -0.37 26.33
C ALA A 107 -3.26 -0.82 27.72
N ASP A 108 -1.96 -0.83 28.00
CA ASP A 108 -1.38 -1.41 29.23
C ASP A 108 -1.78 -2.88 29.41
N CYS A 109 -1.85 -3.61 28.29
CA CYS A 109 -2.21 -5.04 28.27
C CYS A 109 -0.93 -5.86 28.24
N THR A 110 -0.88 -6.88 29.09
CA THR A 110 0.31 -7.71 29.30
C THR A 110 0.13 -9.12 28.74
N TRP A 111 -0.88 -9.34 27.92
CA TRP A 111 -1.20 -10.67 27.42
C TRP A 111 -0.60 -10.90 26.05
N PHE A 112 -0.04 -12.10 25.87
CA PHE A 112 0.32 -12.54 24.52
C PHE A 112 -0.93 -12.67 23.66
N ALA A 113 -0.70 -12.70 22.35
CA ALA A 113 -1.78 -12.70 21.37
C ALA A 113 -1.58 -13.78 20.31
N LYS A 114 -2.67 -14.19 19.71
CA LYS A 114 -2.67 -15.04 18.51
C LYS A 114 -3.26 -14.26 17.34
N VAL A 115 -2.49 -14.13 16.27
CA VAL A 115 -2.91 -13.42 15.06
C VAL A 115 -3.07 -14.45 13.96
N GLU A 116 -4.29 -14.53 13.42
CA GLU A 116 -4.61 -15.39 12.29
C GLU A 116 -5.10 -14.53 11.13
N SER A 117 -4.34 -14.55 10.04
CA SER A 117 -4.59 -13.67 8.92
C SER A 117 -4.62 -14.48 7.61
N GLN A 118 -5.46 -14.06 6.67
CA GLN A 118 -5.43 -14.60 5.31
C GLN A 118 -5.26 -13.47 4.30
N ASN A 119 -4.18 -13.54 3.53
CA ASN A 119 -3.88 -12.56 2.48
C ASN A 119 -4.52 -13.05 1.19
N PHE A 120 -5.53 -12.30 0.70
CA PHE A 120 -6.04 -12.47 -0.66
C PHE A 120 -5.26 -11.53 -1.57
N VAL A 121 -3.96 -11.82 -1.67
CA VAL A 121 -2.98 -10.96 -2.34
C VAL A 121 -1.60 -11.59 -2.15
N PRO A 122 -0.78 -11.64 -3.18
CA PRO A 122 0.58 -12.17 -3.00
C PRO A 122 1.35 -11.37 -1.95
N THR A 123 2.13 -12.08 -1.15
CA THR A 123 2.82 -11.52 0.00
C THR A 123 4.23 -11.08 -0.36
N ALA A 124 4.57 -9.84 0.02
CA ALA A 124 5.93 -9.31 -0.09
C ALA A 124 6.38 -9.32 -1.55
N ALA A 125 5.51 -8.87 -2.45
CA ALA A 125 5.73 -8.94 -3.89
C ALA A 125 5.48 -7.60 -4.59
N GLY A 126 5.38 -6.50 -3.86
CA GLY A 126 5.11 -5.23 -4.53
C GLY A 126 3.66 -5.03 -4.87
N LEU A 127 2.75 -5.76 -4.20
CA LEU A 127 1.31 -5.62 -4.35
C LEU A 127 0.64 -5.18 -3.05
N ALA A 128 1.43 -4.61 -2.12
CA ALA A 128 0.90 -3.85 -0.97
C ALA A 128 0.18 -4.75 0.05
N SER A 129 0.68 -5.98 0.22
CA SER A 129 0.16 -6.85 1.28
C SER A 129 0.44 -6.31 2.68
N SER A 130 1.44 -5.45 2.86
CA SER A 130 1.64 -4.86 4.19
C SER A 130 0.60 -3.78 4.46
N ALA A 131 0.10 -3.11 3.43
CA ALA A 131 -0.96 -2.13 3.61
C ALA A 131 -2.24 -2.78 4.13
N SER A 132 -2.75 -3.80 3.41
CA SER A 132 -3.96 -4.48 3.85
C SER A 132 -3.72 -5.23 5.15
N GLY A 133 -2.54 -5.82 5.29
CA GLY A 133 -2.30 -6.69 6.43
C GLY A 133 -2.17 -5.93 7.74
N LEU A 134 -1.39 -4.85 7.75
CA LEU A 134 -1.23 -4.15 9.02
C LEU A 134 -2.45 -3.29 9.32
N ALA A 135 -3.20 -2.88 8.28
CA ALA A 135 -4.44 -2.16 8.51
C ALA A 135 -5.44 -3.07 9.21
N ALA A 136 -5.59 -4.28 8.68
CA ALA A 136 -6.50 -5.26 9.26
C ALA A 136 -6.10 -5.61 10.69
N LEU A 137 -4.80 -5.75 10.96
CA LEU A 137 -4.39 -6.07 12.33
C LEU A 137 -4.67 -4.91 13.26
N ALA A 138 -4.41 -3.68 12.81
CA ALA A 138 -4.75 -2.52 13.61
C ALA A 138 -6.23 -2.48 13.93
N GLY A 139 -7.07 -2.78 12.94
CA GLY A 139 -8.49 -2.76 13.17
C GLY A 139 -8.93 -3.85 14.13
N ALA A 140 -8.41 -5.06 13.94
CA ALA A 140 -8.72 -6.17 14.85
C ALA A 140 -8.30 -5.85 16.28
N CYS A 141 -7.15 -5.20 16.46
CA CYS A 141 -6.68 -4.89 17.80
C CYS A 141 -7.53 -3.80 18.43
N ASN A 142 -7.89 -2.79 17.65
CA ASN A 142 -8.82 -1.74 18.07
C ASN A 142 -10.09 -2.33 18.66
N VAL A 143 -10.67 -3.29 17.95
CA VAL A 143 -11.85 -4.02 18.39
C VAL A 143 -11.57 -4.78 19.69
N ALA A 144 -10.56 -5.66 19.66
CA ALA A 144 -10.37 -6.59 20.76
C ALA A 144 -10.07 -5.85 22.06
N LEU A 145 -9.27 -4.80 22.01
CA LEU A 145 -8.90 -4.10 23.23
C LEU A 145 -9.83 -2.93 23.52
N GLY A 146 -10.95 -2.83 22.82
CA GLY A 146 -11.94 -1.79 23.05
C GLY A 146 -11.37 -0.39 23.04
N LEU A 147 -10.58 -0.08 22.01
CA LEU A 147 -9.93 1.22 21.93
C LEU A 147 -10.84 2.31 21.38
N ASN A 148 -11.88 1.93 20.61
CA ASN A 148 -12.89 2.86 20.08
C ASN A 148 -12.25 4.04 19.37
N LEU A 149 -11.40 3.72 18.41
CA LEU A 149 -10.65 4.73 17.69
C LEU A 149 -11.50 5.36 16.59
N SER A 150 -11.43 6.68 16.49
CA SER A 150 -11.87 7.34 15.27
C SER A 150 -11.10 6.82 14.07
N ALA A 151 -11.66 7.02 12.87
CA ALA A 151 -10.93 6.66 11.66
C ALA A 151 -9.57 7.35 11.64
N LYS A 152 -9.52 8.63 12.00
CA LYS A 152 -8.25 9.33 12.04
C LYS A 152 -7.26 8.63 12.97
N ASP A 153 -7.72 8.22 14.15
CA ASP A 153 -6.78 7.62 15.10
C ASP A 153 -6.47 6.17 14.74
N LEU A 154 -7.38 5.51 14.05
CA LEU A 154 -7.07 4.17 13.60
C LEU A 154 -6.02 4.22 12.49
N SER A 155 -6.10 5.25 11.65
CA SER A 155 -5.08 5.48 10.64
C SER A 155 -3.73 5.70 11.28
N ARG A 156 -3.69 6.52 12.35
CA ARG A 156 -2.45 6.76 13.07
C ARG A 156 -1.84 5.50 13.66
N LEU A 157 -2.69 4.57 14.13
CA LEU A 157 -2.17 3.32 14.69
C LEU A 157 -1.66 2.38 13.59
N ALA A 158 -2.44 2.22 12.53
CA ALA A 158 -2.01 1.42 11.40
C ALA A 158 -0.69 1.92 10.82
N ARG A 159 -0.48 3.24 10.84
CA ARG A 159 0.77 3.86 10.37
C ARG A 159 1.98 3.27 11.09
N ARG A 160 1.84 2.95 12.38
CA ARG A 160 2.93 2.40 13.17
C ARG A 160 3.31 1.00 12.74
N GLY A 161 2.43 0.27 12.09
CA GLY A 161 2.78 -1.03 11.58
C GLY A 161 3.36 -1.00 10.18
N SER A 162 2.76 -0.23 9.28
CA SER A 162 3.28 -0.02 7.94
C SER A 162 2.70 1.30 7.44
N GLY A 163 3.56 2.15 6.85
CA GLY A 163 3.09 3.45 6.41
C GLY A 163 1.90 3.35 5.49
N SER A 164 1.99 2.49 4.47
CA SER A 164 0.94 2.40 3.49
C SER A 164 -0.36 1.92 4.11
N ALA A 165 -0.28 1.23 5.24
CA ALA A 165 -1.49 0.73 5.87
C ALA A 165 -2.38 1.86 6.39
N CYS A 166 -1.81 3.02 6.78
CA CYS A 166 -2.66 4.09 7.30
C CYS A 166 -3.63 4.61 6.24
N ARG A 167 -3.33 4.38 4.96
CA ARG A 167 -4.23 4.77 3.89
C ARG A 167 -5.30 3.71 3.61
N SER A 168 -5.02 2.43 3.90
CA SER A 168 -6.04 1.38 3.70
C SER A 168 -7.18 1.45 4.71
N ILE A 169 -7.11 2.35 5.68
CA ILE A 169 -8.26 2.61 6.53
C ILE A 169 -9.40 3.23 5.71
N PHE A 170 -9.07 3.92 4.63
CA PHE A 170 -10.07 4.64 3.84
C PHE A 170 -10.24 4.00 2.47
N GLY A 171 -11.42 4.22 1.87
CA GLY A 171 -11.67 3.76 0.52
C GLY A 171 -11.36 4.81 -0.54
N GLY A 172 -11.37 4.36 -1.79
CA GLY A 172 -11.23 5.29 -2.92
C GLY A 172 -9.88 5.98 -2.87
N PHE A 173 -9.87 7.27 -3.19
CA PHE A 173 -8.66 8.05 -3.07
C PHE A 173 -8.45 8.40 -1.60
N ALA A 174 -7.21 8.24 -1.13
CA ALA A 174 -6.85 8.63 0.23
C ALA A 174 -5.47 9.27 0.24
N GLN A 175 -5.32 10.30 1.05
CA GLN A 175 -4.07 11.02 1.20
C GLN A 175 -3.51 10.80 2.60
N TRP A 176 -2.24 10.48 2.68
CA TRP A 176 -1.51 10.44 3.94
C TRP A 176 -0.80 11.78 4.06
N ASN A 177 -1.26 12.62 4.97
CA ASN A 177 -0.59 13.89 5.26
C ASN A 177 0.63 13.63 6.13
N LYS A 178 1.81 14.04 5.67
CA LYS A 178 3.02 13.67 6.41
C LYS A 178 3.01 14.19 7.84
N GLY A 179 2.35 15.31 8.07
CA GLY A 179 2.41 15.97 9.37
C GLY A 179 3.82 16.19 9.86
N HIS A 180 3.96 16.28 11.17
CA HIS A 180 5.25 16.52 11.79
C HIS A 180 5.38 15.82 13.13
N SER A 181 4.45 14.93 13.48
CA SER A 181 4.44 14.29 14.77
C SER A 181 3.48 13.12 14.71
N ASP A 182 3.58 12.23 15.70
CA ASP A 182 2.69 11.08 15.76
C ASP A 182 1.24 11.52 15.67
N GLU A 183 0.91 12.69 16.21
CA GLU A 183 -0.47 13.16 16.27
C GLU A 183 -0.95 13.70 14.93
N THR A 184 -0.05 14.25 14.12
CA THR A 184 -0.45 14.96 12.91
C THR A 184 -0.16 14.20 11.61
N SER A 185 0.38 12.98 11.68
CA SER A 185 0.64 12.15 10.50
C SER A 185 -0.42 11.06 10.40
N PHE A 186 -1.31 11.17 9.42
CA PHE A 186 -2.42 10.25 9.28
C PHE A 186 -3.06 10.50 7.94
N ALA A 187 -3.97 9.60 7.55
CA ALA A 187 -4.62 9.67 6.24
C ALA A 187 -6.06 10.10 6.37
N GLU A 188 -6.66 10.39 5.21
CA GLU A 188 -8.06 10.77 5.10
C GLU A 188 -8.50 10.53 3.67
N ASN A 189 -9.82 10.35 3.51
CA ASN A 189 -10.39 10.19 2.18
C ASN A 189 -10.33 11.52 1.41
N ILE A 190 -10.19 11.41 0.10
CA ILE A 190 -10.22 12.54 -0.81
C ILE A 190 -11.52 12.43 -1.61
N PRO A 191 -12.50 13.29 -1.36
CA PRO A 191 -13.70 13.29 -2.21
C PRO A 191 -13.32 13.66 -3.64
N ALA A 192 -13.92 12.94 -4.59
CA ALA A 192 -13.60 13.12 -5.99
C ALA A 192 -14.86 13.09 -6.84
N ASN A 193 -16.00 13.42 -6.22
CA ASN A 193 -17.28 13.45 -6.91
C ASN A 193 -17.48 12.17 -7.74
N ASN A 194 -17.17 11.03 -7.13
CA ASN A 194 -17.44 9.71 -7.71
C ASN A 194 -16.42 9.34 -8.77
N TRP A 195 -15.43 10.19 -9.06
CA TRP A 195 -14.49 9.86 -10.12
C TRP A 195 -13.85 8.50 -9.91
N GLU A 196 -13.55 8.14 -8.66
CA GLU A 196 -12.84 6.88 -8.43
C GLU A 196 -13.63 5.68 -8.94
N ASN A 197 -14.96 5.79 -9.00
CA ASN A 197 -15.79 4.68 -9.48
C ASN A 197 -15.86 4.62 -11.00
N GLU A 198 -15.31 5.63 -11.68
CA GLU A 198 -15.18 5.65 -13.12
C GLU A 198 -13.83 5.15 -13.60
N LEU A 199 -12.97 4.71 -12.68
CA LEU A 199 -11.60 4.31 -12.98
C LEU A 199 -11.37 2.84 -12.67
N ALA A 200 -10.24 2.34 -13.16
CA ALA A 200 -9.83 0.97 -12.94
C ALA A 200 -8.31 0.92 -12.88
N MET A 201 -7.80 -0.18 -12.32
CA MET A 201 -6.37 -0.46 -12.29
C MET A 201 -6.18 -1.91 -12.69
N LEU A 202 -5.37 -2.13 -13.71
CA LEU A 202 -5.10 -3.46 -14.19
C LEU A 202 -3.70 -3.89 -13.76
N PHE A 203 -3.65 -4.95 -12.98
CA PHE A 203 -2.39 -5.49 -12.52
C PHE A 203 -1.81 -6.41 -13.58
N ILE A 204 -0.54 -6.22 -13.91
CA ILE A 204 0.24 -7.14 -14.73
C ILE A 204 1.18 -7.85 -13.79
N LEU A 205 0.93 -9.12 -13.53
CA LEU A 205 1.71 -9.91 -12.59
C LEU A 205 2.92 -10.50 -13.30
N ILE A 206 4.05 -9.83 -13.12
CA ILE A 206 5.32 -10.27 -13.67
C ILE A 206 5.95 -11.32 -12.79
N ASN A 207 5.77 -11.19 -11.49
CA ASN A 207 6.33 -12.14 -10.54
C ASN A 207 5.65 -11.98 -9.17
N ASP A 208 4.82 -12.95 -8.78
CA ASP A 208 4.14 -12.95 -7.50
C ASP A 208 5.01 -13.50 -6.37
N GLY A 209 6.28 -13.77 -6.62
CA GLY A 209 7.16 -14.26 -5.58
C GLY A 209 7.54 -13.18 -4.58
N GLU A 210 8.19 -13.59 -3.50
CA GLU A 210 8.65 -12.64 -2.50
C GLU A 210 9.88 -11.90 -3.03
N LYS A 211 9.88 -10.57 -2.89
CA LYS A 211 10.86 -9.70 -3.50
C LYS A 211 12.17 -9.65 -2.71
N ASP A 212 13.24 -9.26 -3.41
CA ASP A 212 14.58 -9.32 -2.83
C ASP A 212 14.79 -8.26 -1.74
N VAL A 213 14.40 -7.01 -2.00
CA VAL A 213 14.62 -5.89 -1.08
C VAL A 213 13.26 -5.41 -0.57
N SER A 214 13.06 -5.45 0.74
CA SER A 214 11.78 -5.01 1.32
C SER A 214 11.57 -3.53 1.06
N SER A 215 10.31 -3.12 1.14
CA SER A 215 9.99 -1.71 1.02
C SER A 215 10.70 -0.89 2.09
N ARG A 216 10.75 -1.43 3.31
CA ARG A 216 11.29 -0.69 4.44
C ARG A 216 12.80 -0.52 4.28
N ASP A 217 13.50 -1.60 3.91
CA ASP A 217 14.95 -1.55 3.74
C ASP A 217 15.33 -0.73 2.52
N GLY A 218 14.58 -0.90 1.43
CA GLY A 218 14.88 -0.16 0.22
C GLY A 218 14.78 1.34 0.40
N MET A 219 13.73 1.79 1.11
CA MET A 219 13.56 3.22 1.23
C MET A 219 14.54 3.80 2.22
N LYS A 220 14.93 3.04 3.24
CA LYS A 220 15.96 3.50 4.17
C LYS A 220 17.31 3.64 3.47
N ARG A 221 17.68 2.67 2.64
CA ARG A 221 18.91 2.81 1.85
C ARG A 221 18.85 4.05 0.96
N THR A 222 17.69 4.32 0.38
CA THR A 222 17.54 5.47 -0.50
C THR A 222 17.69 6.77 0.28
N VAL A 223 16.99 6.89 1.41
CA VAL A 223 17.08 8.10 2.22
C VAL A 223 18.52 8.36 2.61
N GLU A 224 19.20 7.32 3.09
CA GLU A 224 20.51 7.49 3.69
C GLU A 224 21.59 7.65 2.65
N THR A 225 21.45 7.08 1.44
CA THR A 225 22.58 7.11 0.51
C THR A 225 22.30 7.63 -0.90
N SER A 226 21.06 7.83 -1.32
CA SER A 226 20.87 8.14 -2.74
C SER A 226 21.15 9.61 -3.05
N SER A 227 22.03 9.85 -4.04
CA SER A 227 22.26 11.20 -4.56
C SER A 227 21.04 11.79 -5.25
N PHE A 228 20.05 10.98 -5.55
CA PHE A 228 18.84 11.41 -6.23
C PHE A 228 17.70 11.73 -5.27
N TYR A 229 17.89 11.51 -3.97
CA TYR A 229 16.75 11.59 -3.07
C TYR A 229 16.24 13.03 -2.94
N GLN A 230 17.13 14.01 -2.92
CA GLN A 230 16.67 15.40 -2.85
C GLN A 230 15.82 15.77 -4.07
N GLY A 231 16.19 15.30 -5.25
CA GLY A 231 15.35 15.54 -6.43
C GLY A 231 13.95 14.98 -6.26
N TRP A 232 13.86 13.79 -5.68
CA TRP A 232 12.57 13.21 -5.37
C TRP A 232 11.78 14.14 -4.46
N LEU A 233 12.41 14.53 -3.35
CA LEU A 233 11.76 15.39 -2.38
C LEU A 233 11.31 16.71 -3.00
N ASP A 234 12.09 17.24 -3.96
CA ASP A 234 11.82 18.58 -4.45
C ASP A 234 10.64 18.62 -5.41
N ASN A 235 10.19 17.46 -5.86
CA ASN A 235 9.11 17.35 -6.82
C ASN A 235 7.83 16.75 -6.29
N VAL A 236 7.81 16.14 -5.09
CA VAL A 236 6.63 15.37 -4.70
C VAL A 236 5.44 16.28 -4.40
N GLU A 237 5.66 17.44 -3.78
CA GLU A 237 4.51 18.28 -3.43
C GLU A 237 3.85 18.86 -4.67
N LYS A 238 4.64 19.20 -5.69
CA LYS A 238 4.07 19.67 -6.95
C LYS A 238 3.22 18.60 -7.62
N ASP A 239 3.68 17.34 -7.56
CA ASP A 239 2.90 16.23 -8.12
C ASP A 239 1.57 16.08 -7.39
N LEU A 240 1.61 16.16 -6.06
CA LEU A 240 0.40 16.02 -5.27
C LEU A 240 -0.60 17.12 -5.60
N SER A 241 -0.12 18.36 -5.71
CA SER A 241 -1.00 19.47 -6.08
C SER A 241 -1.69 19.24 -7.41
N GLN A 242 -0.96 18.73 -8.41
CA GLN A 242 -1.54 18.54 -9.73
C GLN A 242 -2.48 17.35 -9.74
N VAL A 243 -2.21 16.31 -8.94
CA VAL A 243 -3.19 15.24 -8.77
C VAL A 243 -4.49 15.81 -8.22
N HIS A 244 -4.41 16.79 -7.30
CA HIS A 244 -5.62 17.38 -6.73
C HIS A 244 -6.37 18.24 -7.74
N GLU A 245 -5.66 19.03 -8.53
CA GLU A 245 -6.33 19.80 -9.58
C GLU A 245 -6.96 18.89 -10.61
N ALA A 246 -6.29 17.78 -10.93
CA ALA A 246 -6.84 16.86 -11.91
C ALA A 246 -8.11 16.21 -11.41
N ILE A 247 -8.12 15.83 -10.14
CA ILE A 247 -9.32 15.27 -9.53
C ILE A 247 -10.47 16.26 -9.63
N LYS A 248 -10.25 17.51 -9.21
CA LYS A 248 -11.33 18.48 -9.21
C LYS A 248 -11.90 18.68 -10.60
N THR A 249 -11.13 18.39 -11.65
CA THR A 249 -11.58 18.53 -13.02
C THR A 249 -11.75 17.18 -13.73
N LYS A 250 -11.66 16.06 -13.01
CA LYS A 250 -11.68 14.73 -13.62
C LYS A 250 -10.84 14.65 -14.91
N ASP A 251 -9.65 15.25 -14.88
CA ASP A 251 -8.74 15.30 -16.03
C ASP A 251 -7.88 14.04 -16.03
N PHE A 252 -8.28 13.03 -16.82
CA PHE A 252 -7.65 11.73 -16.72
C PHE A 252 -6.25 11.73 -17.34
N PRO A 253 -6.05 12.36 -18.51
CA PRO A 253 -4.69 12.42 -19.05
C PRO A 253 -3.72 13.13 -18.13
N ARG A 254 -4.17 14.19 -17.47
CA ARG A 254 -3.27 14.92 -16.59
C ARG A 254 -2.92 14.07 -15.38
N LEU A 255 -3.92 13.43 -14.77
CA LEU A 255 -3.64 12.52 -13.66
C LEU A 255 -2.60 11.48 -14.06
N GLY A 256 -2.81 10.84 -15.21
CA GLY A 256 -1.97 9.72 -15.57
C GLY A 256 -0.54 10.14 -15.84
N GLU A 257 -0.35 11.28 -16.49
CA GLU A 257 1.02 11.76 -16.74
C GLU A 257 1.74 12.06 -15.43
N ILE A 258 1.07 12.72 -14.47
CA ILE A 258 1.69 13.01 -13.19
C ILE A 258 2.09 11.71 -12.49
N ILE A 259 1.17 10.76 -12.39
CA ILE A 259 1.45 9.59 -11.56
C ILE A 259 2.48 8.69 -12.21
N GLU A 260 2.48 8.59 -13.54
CA GLU A 260 3.49 7.79 -14.22
C GLU A 260 4.88 8.37 -13.97
N ALA A 261 5.02 9.69 -14.10
CA ALA A 261 6.32 10.31 -13.87
C ALA A 261 6.71 10.22 -12.40
N ASN A 262 5.75 10.31 -11.48
CA ASN A 262 6.07 10.22 -10.06
C ASN A 262 6.63 8.84 -9.72
N GLY A 263 6.03 7.79 -10.28
CA GLY A 263 6.54 6.45 -10.03
C GLY A 263 7.88 6.21 -10.66
N LEU A 264 8.09 6.74 -11.86
CA LEU A 264 9.41 6.58 -12.46
C LEU A 264 10.48 7.33 -11.65
N ARG A 265 10.13 8.50 -11.13
CA ARG A 265 11.09 9.25 -10.32
C ARG A 265 11.44 8.49 -9.04
N MET A 266 10.43 7.89 -8.40
CA MET A 266 10.70 7.10 -7.21
C MET A 266 11.65 5.95 -7.50
N HIS A 267 11.39 5.19 -8.58
CA HIS A 267 12.28 4.08 -8.92
C HIS A 267 13.66 4.57 -9.34
N GLY A 268 13.75 5.73 -10.00
CA GLY A 268 15.05 6.31 -10.28
C GLY A 268 15.92 6.51 -9.05
N THR A 269 15.31 6.78 -7.88
CA THR A 269 16.11 7.09 -6.71
C THR A 269 16.96 5.91 -6.30
N THR A 270 16.51 4.67 -6.55
CA THR A 270 17.27 3.51 -6.08
C THR A 270 18.53 3.29 -6.93
N LEU A 271 18.57 3.80 -8.15
CA LEU A 271 19.78 3.71 -8.98
C LEU A 271 20.87 4.70 -8.52
N GLY A 272 20.54 5.62 -7.64
CA GLY A 272 21.53 6.50 -7.06
C GLY A 272 21.92 6.14 -5.67
N ALA A 273 21.31 5.09 -5.10
CA ALA A 273 21.69 4.59 -3.80
C ALA A 273 23.06 3.94 -3.85
N VAL A 274 23.61 3.68 -2.67
CA VAL A 274 24.99 3.20 -2.52
C VAL A 274 24.95 1.98 -1.60
N PRO A 275 25.02 0.76 -2.13
CA PRO A 275 25.08 0.39 -3.55
C PRO A 275 23.72 0.55 -4.21
N PRO A 276 23.70 0.76 -5.51
CA PRO A 276 22.43 0.97 -6.22
C PRO A 276 21.72 -0.35 -6.47
N PHE A 277 20.42 -0.26 -6.70
CA PHE A 277 19.60 -1.44 -6.93
C PHE A 277 18.36 -0.99 -7.68
N THR A 278 17.65 -1.98 -8.20
CA THR A 278 16.38 -1.74 -8.87
C THR A 278 15.35 -2.76 -8.41
N TYR A 279 14.08 -2.34 -8.36
CA TYR A 279 12.99 -3.27 -8.14
C TYR A 279 12.47 -3.87 -9.44
N TRP A 280 12.88 -3.32 -10.58
CA TRP A 280 12.37 -3.78 -11.85
C TRP A 280 12.91 -5.17 -12.21
N SER A 281 12.12 -5.91 -12.96
CA SER A 281 12.59 -7.15 -13.59
C SER A 281 12.41 -6.96 -15.10
N PRO A 282 12.89 -7.88 -15.94
CA PRO A 282 12.71 -7.71 -17.40
C PRO A 282 11.28 -7.51 -17.82
N GLY A 283 10.37 -8.34 -17.32
CA GLY A 283 8.96 -8.16 -17.63
C GLY A 283 8.42 -6.84 -17.20
N SER A 284 8.99 -6.21 -16.15
CA SER A 284 8.51 -4.87 -15.78
C SER A 284 8.71 -3.92 -16.95
N LEU A 285 9.91 -3.91 -17.55
CA LEU A 285 10.18 -3.01 -18.66
C LEU A 285 9.32 -3.34 -19.86
N GLN A 286 9.16 -4.64 -20.15
CA GLN A 286 8.27 -5.04 -21.24
C GLN A 286 6.89 -4.47 -21.06
N ALA A 287 6.33 -4.61 -19.85
CA ALA A 287 4.99 -4.10 -19.58
C ALA A 287 4.93 -2.59 -19.72
N MET A 288 5.92 -1.90 -19.15
CA MET A 288 5.95 -0.44 -19.27
C MET A 288 5.97 0.00 -20.73
N ALA A 289 6.84 -0.61 -21.53
CA ALA A 289 6.88 -0.26 -22.95
C ALA A 289 5.53 -0.54 -23.62
N LEU A 290 4.88 -1.64 -23.25
CA LEU A 290 3.60 -1.98 -23.85
C LEU A 290 2.53 -0.95 -23.50
N VAL A 291 2.55 -0.44 -22.28
CA VAL A 291 1.60 0.61 -21.92
C VAL A 291 1.78 1.82 -22.82
N ARG A 292 3.03 2.18 -23.12
CA ARG A 292 3.27 3.28 -24.05
C ARG A 292 2.76 2.94 -25.45
N GLN A 293 2.96 1.71 -25.93
CA GLN A 293 2.35 1.32 -27.19
C GLN A 293 0.83 1.50 -27.14
N ALA A 294 0.20 1.02 -26.06
CA ALA A 294 -1.25 1.15 -25.94
C ALA A 294 -1.67 2.60 -26.04
N ARG A 295 -0.93 3.49 -25.40
CA ARG A 295 -1.26 4.91 -25.52
C ARG A 295 -1.10 5.37 -26.97
N ALA A 296 -0.01 4.95 -27.61
CA ALA A 296 0.25 5.38 -28.99
C ALA A 296 -0.86 4.91 -29.91
N LYS A 297 -1.38 3.70 -29.67
CA LYS A 297 -2.45 3.10 -30.46
C LYS A 297 -3.83 3.38 -29.89
N GLY A 298 -3.97 4.48 -29.15
CA GLY A 298 -5.28 5.03 -28.86
C GLY A 298 -6.02 4.48 -27.66
N ILE A 299 -5.31 3.95 -26.67
CA ILE A 299 -5.91 3.55 -25.39
C ILE A 299 -5.24 4.36 -24.30
N PRO A 300 -5.90 5.43 -23.81
CA PRO A 300 -5.29 6.22 -22.72
C PRO A 300 -5.15 5.41 -21.45
N CYS A 301 -3.91 5.24 -21.02
CA CYS A 301 -3.62 4.49 -19.82
C CYS A 301 -2.18 4.78 -19.39
N TYR A 302 -1.93 4.63 -18.09
CA TYR A 302 -0.68 5.07 -17.49
C TYR A 302 -0.24 4.06 -16.44
N PHE A 303 1.05 3.78 -16.38
CA PHE A 303 1.56 2.75 -15.49
C PHE A 303 2.18 3.37 -14.24
N THR A 304 2.14 2.59 -13.17
CA THR A 304 2.88 2.87 -11.95
C THR A 304 3.32 1.54 -11.36
N MET A 305 4.38 1.60 -10.55
CA MET A 305 4.95 0.46 -9.86
C MET A 305 5.22 0.83 -8.42
N ASP A 306 4.77 0.01 -7.51
CA ASP A 306 5.14 0.17 -6.11
C ASP A 306 6.45 -0.59 -5.96
N ALA A 307 6.81 -1.03 -4.76
CA ALA A 307 8.17 -1.50 -4.54
C ALA A 307 8.31 -2.97 -4.93
N GLY A 308 8.25 -3.21 -6.23
CA GLY A 308 8.48 -4.54 -6.75
C GLY A 308 8.32 -4.59 -8.25
N PRO A 309 8.34 -5.78 -8.84
CA PRO A 309 8.42 -5.92 -10.30
C PRO A 309 7.10 -5.89 -11.04
N ASN A 310 5.98 -5.92 -10.31
CA ASN A 310 4.68 -5.93 -10.95
C ASN A 310 4.29 -4.53 -11.38
N VAL A 311 3.48 -4.46 -12.42
CA VAL A 311 3.12 -3.20 -13.06
C VAL A 311 1.61 -3.01 -12.96
N LYS A 312 1.19 -1.84 -12.49
CA LYS A 312 -0.21 -1.48 -12.38
C LYS A 312 -0.53 -0.40 -13.39
N VAL A 313 -1.64 -0.57 -14.10
CA VAL A 313 -1.98 0.33 -15.18
C VAL A 313 -3.30 1.01 -14.86
N LEU A 314 -3.23 2.30 -14.62
CA LEU A 314 -4.44 3.08 -14.43
C LEU A 314 -5.12 3.30 -15.77
N VAL A 315 -6.43 3.08 -15.80
CA VAL A 315 -7.20 3.13 -17.03
C VAL A 315 -8.65 3.41 -16.66
N GLU A 316 -9.34 4.17 -17.49
CA GLU A 316 -10.76 4.33 -17.31
C GLU A 316 -11.47 3.00 -17.52
N LYS A 317 -12.55 2.78 -16.76
CA LYS A 317 -13.27 1.51 -16.82
C LYS A 317 -13.62 1.14 -18.25
N LYS A 318 -14.06 2.12 -19.02
CA LYS A 318 -14.52 1.86 -20.39
C LYS A 318 -13.43 1.29 -21.29
N ASN A 319 -12.15 1.40 -20.90
CA ASN A 319 -11.06 0.96 -21.76
C ASN A 319 -10.38 -0.28 -21.19
N LEU A 320 -10.94 -0.83 -20.12
CA LEU A 320 -10.27 -1.92 -19.43
C LEU A 320 -10.18 -3.15 -20.32
N GLU A 321 -11.30 -3.53 -20.96
CA GLU A 321 -11.30 -4.75 -21.79
C GLU A 321 -10.37 -4.59 -22.98
N ALA A 322 -10.45 -3.44 -23.66
CA ALA A 322 -9.48 -3.10 -24.71
C ALA A 322 -8.04 -3.38 -24.27
N LEU A 323 -7.71 -2.95 -23.06
CA LEU A 323 -6.33 -3.01 -22.59
C LEU A 323 -5.94 -4.44 -22.29
N LYS A 324 -6.83 -5.19 -21.61
CA LYS A 324 -6.53 -6.59 -21.30
C LYS A 324 -6.30 -7.38 -22.58
N THR A 325 -7.05 -7.07 -23.61
CA THR A 325 -6.88 -7.81 -24.86
C THR A 325 -5.55 -7.46 -25.52
N PHE A 326 -5.29 -6.16 -25.64
CA PHE A 326 -3.97 -5.68 -26.09
C PHE A 326 -2.86 -6.39 -25.33
N LEU A 327 -2.95 -6.44 -24.00
CA LEU A 327 -1.84 -6.99 -23.23
C LEU A 327 -1.78 -8.52 -23.29
N SER A 328 -2.88 -9.20 -23.61
CA SER A 328 -2.86 -10.66 -23.75
C SER A 328 -1.95 -11.13 -24.88
N GLU A 329 -1.46 -10.21 -25.72
CA GLU A 329 -0.59 -10.64 -26.80
C GLU A 329 0.76 -11.06 -26.24
N HIS A 330 1.05 -10.67 -24.99
CA HIS A 330 2.32 -10.97 -24.37
C HIS A 330 2.22 -11.54 -22.95
N PHE A 331 1.07 -11.47 -22.31
CA PHE A 331 0.87 -12.02 -20.96
C PHE A 331 -0.35 -12.94 -20.96
N SER A 332 -0.33 -13.95 -20.09
CA SER A 332 -1.45 -14.89 -19.98
C SER A 332 -2.60 -14.28 -19.20
N LYS A 333 -3.74 -14.99 -19.23
CA LYS A 333 -4.89 -14.60 -18.41
C LYS A 333 -4.51 -14.50 -16.94
N GLU A 334 -3.68 -15.44 -16.46
CA GLU A 334 -3.34 -15.44 -15.05
C GLU A 334 -2.48 -14.25 -14.67
N GLN A 335 -2.03 -13.46 -15.64
CA GLN A 335 -1.15 -12.34 -15.36
C GLN A 335 -1.86 -11.01 -15.39
N LEU A 336 -3.09 -10.93 -15.89
CA LEU A 336 -3.84 -9.68 -15.99
C LEU A 336 -5.04 -9.70 -15.05
N VAL A 337 -4.90 -9.06 -13.87
CA VAL A 337 -5.92 -9.09 -12.85
C VAL A 337 -6.53 -7.68 -12.73
N PRO A 338 -7.78 -7.48 -13.08
CA PRO A 338 -8.38 -6.15 -12.95
C PRO A 338 -8.84 -5.83 -11.53
N ALA A 339 -8.97 -4.53 -11.26
CA ALA A 339 -9.43 -4.08 -9.96
C ALA A 339 -10.08 -2.72 -10.08
N PHE A 340 -11.10 -2.50 -9.25
CA PHE A 340 -11.82 -1.25 -9.17
C PHE A 340 -11.60 -0.61 -7.79
N ALA A 341 -12.13 0.59 -7.61
CA ALA A 341 -12.04 1.23 -6.31
C ALA A 341 -12.71 0.36 -5.24
N GLY A 342 -12.13 0.40 -4.05
CA GLY A 342 -12.56 -0.44 -2.95
C GLY A 342 -12.89 0.34 -1.70
N PRO A 343 -13.41 -0.36 -0.69
CA PRO A 343 -13.87 0.33 0.52
C PRO A 343 -12.77 0.47 1.56
N GLY A 344 -13.03 1.35 2.52
CA GLY A 344 -12.23 1.48 3.72
C GLY A 344 -12.41 0.28 4.64
N ILE A 345 -11.82 0.40 5.83
CA ILE A 345 -11.71 -0.76 6.69
C ILE A 345 -13.07 -1.12 7.26
N GLU A 346 -13.26 -2.42 7.47
CA GLU A 346 -14.48 -2.98 8.05
C GLU A 346 -14.11 -3.71 9.34
N LEU A 347 -14.70 -3.27 10.44
CA LEU A 347 -14.48 -3.85 11.75
C LEU A 347 -15.61 -4.83 12.11
N PHE A 348 -15.30 -5.77 13.00
CA PHE A 348 -16.20 -6.86 13.36
C PHE A 348 -15.97 -7.22 14.82
N GLU A 349 -16.98 -7.02 15.67
CA GLU A 349 -16.94 -7.53 17.04
C GLU A 349 -17.31 -9.01 17.02
N THR A 350 -16.44 -9.86 17.57
CA THR A 350 -16.71 -11.29 17.67
C THR A 350 -16.71 -11.73 19.12
#